data_7BM7
#
_entry.id   7BM7
#
_cell.length_a   59.595
_cell.length_b   71.543
_cell.length_c   78.562
_cell.angle_alpha   90.000
_cell.angle_beta   90.000
_cell.angle_gamma   90.000
#
_symmetry.space_group_name_H-M   'P 21 21 21'
#
loop_
_entity.id
_entity.type
_entity.pdbx_description
1 polymer 'Palmitoleoyl-protein carboxylesterase NOTUM'
2 non-polymer 'SULFATE ION'
3 non-polymer 2-acetamido-2-deoxy-beta-D-glucopyranose
4 non-polymer 'DIMETHYL SULFOXIDE'
5 non-polymer '1-Naphthalenepentanoic acid'
6 water water
#
_entity_poly.entity_id   1
_entity_poly.type   'polypeptide(L)'
_entity_poly.pdbx_seq_one_letter_code
;ETGSAQQLNEDLRLHLLLNTSVTCNDGSPAGYYLKESRGSRRWLLFLEGGWYCFNRENCDSRYDTMRRLMSSRDWPRTRT
GTGILSSQPEENPYWWNANMVFIPYCSSDVWSGASSKSEKNEYAFMGALIIQEVVRELLGRGLSGAKVLLLAGSSAGGTG
VLLNVDRVAEQLEKLGYPAIQVRGLADSGWFLDNKQYRHTDCVDTITCAPTEAIRRGIRYWNGVVPERCRRQFQEGEEWN
CFFGYKVYPTLRSPVFVVQWLFDEAQLTVDNVHLTGQPVQEGLRLYIQNLGRELRHTLKDVPASFAPACLSHEIIIRSHW
TDVQVKGTSLPRALHCWDRSLHDSHKASKTPLKGCPVHLVDSCPWPHCNPSCPTGTKHHHHHH
;
_entity_poly.pdbx_strand_id   A
#
loop_
_chem_comp.id
_chem_comp.type
_chem_comp.name
_chem_comp.formula
DMS non-polymer 'DIMETHYL SULFOXIDE' 'C2 H6 O S'
NAG D-saccharide, beta linking 2-acetamido-2-deoxy-beta-D-glucopyranose 'C8 H15 N O6'
SO4 non-polymer 'SULFATE ION' 'O4 S -2'
U3Q non-polymer '1-Naphthalenepentanoic acid' 'C15 H16 O2'
#
# COMPACT_ATOMS: atom_id res chain seq x y z
N ASP A 11 -5.38 15.53 14.66
CA ASP A 11 -4.48 14.50 15.17
C ASP A 11 -5.20 13.16 15.28
N LEU A 12 -4.47 12.08 15.00
CA LEU A 12 -4.98 10.73 15.15
C LEU A 12 -4.41 10.11 16.41
N ARG A 13 -5.25 9.39 17.15
CA ARG A 13 -4.90 8.92 18.49
C ARG A 13 -4.59 7.43 18.46
N LEU A 14 -3.54 7.04 19.17
CA LEU A 14 -3.10 5.66 19.14
C LEU A 14 -4.01 4.77 20.00
N HIS A 15 -4.39 3.62 19.45
CA HIS A 15 -4.97 2.52 20.21
C HIS A 15 -4.15 1.27 19.92
N LEU A 16 -3.61 0.67 20.96
CA LEU A 16 -3.00 -0.64 20.83
C LEU A 16 -4.09 -1.70 20.76
N LEU A 17 -3.78 -2.80 20.06
CA LEU A 17 -4.80 -3.82 19.85
C LEU A 17 -5.15 -4.51 21.16
N LEU A 18 -6.45 -4.61 21.43
CA LEU A 18 -6.93 -5.28 22.64
C LEU A 18 -6.57 -6.77 22.64
N ASN A 19 -6.53 -7.39 21.46
CA ASN A 19 -6.06 -8.76 21.30
C ASN A 19 -4.54 -8.71 21.18
N THR A 20 -3.85 -8.87 22.30
CA THR A 20 -2.40 -8.69 22.35
C THR A 20 -1.63 -9.89 21.81
N SER A 21 -2.32 -10.88 21.23
CA SER A 21 -1.66 -11.94 20.49
CA SER A 21 -1.65 -11.93 20.49
C SER A 21 -1.34 -11.54 19.06
N VAL A 22 -1.86 -10.42 18.59
CA VAL A 22 -1.56 -9.89 17.26
C VAL A 22 -0.48 -8.83 17.48
N THR A 23 0.75 -9.12 17.05
CA THR A 23 1.89 -8.35 17.50
C THR A 23 2.72 -7.82 16.34
N CYS A 24 3.53 -6.84 16.70
CA CYS A 24 4.66 -6.40 15.90
C CYS A 24 5.75 -7.47 15.93
N ASN A 25 6.83 -7.24 15.17
CA ASN A 25 7.89 -8.24 15.03
C ASN A 25 8.36 -8.78 16.39
N ASP A 26 8.57 -7.90 17.37
CA ASP A 26 9.18 -8.31 18.63
C ASP A 26 8.17 -8.74 19.69
N GLY A 27 6.93 -9.04 19.30
CA GLY A 27 5.93 -9.46 20.25
C GLY A 27 5.16 -8.36 20.96
N SER A 28 5.59 -7.11 20.83
CA SER A 28 4.80 -5.99 21.34
C SER A 28 3.50 -5.84 20.54
N PRO A 29 2.44 -5.33 21.17
CA PRO A 29 1.13 -5.29 20.48
C PRO A 29 1.18 -4.38 19.27
N ALA A 30 0.47 -4.78 18.21
CA ALA A 30 0.25 -3.90 17.08
C ALA A 30 -0.87 -2.91 17.43
N GLY A 31 -1.24 -2.06 16.48
CA GLY A 31 -2.22 -1.03 16.78
C GLY A 31 -2.61 -0.20 15.57
N TYR A 32 -3.22 0.95 15.87
CA TYR A 32 -3.70 1.87 14.84
C TYR A 32 -3.91 3.24 15.46
N TYR A 33 -3.83 4.27 14.62
CA TYR A 33 -4.18 5.64 15.00
C TYR A 33 -5.52 5.97 14.39
N LEU A 34 -6.40 6.58 15.19
CA LEU A 34 -7.77 6.84 14.77
C LEU A 34 -8.15 8.29 15.01
N LYS A 35 -8.83 8.88 14.04
CA LYS A 35 -9.49 10.18 14.19
C LYS A 35 -10.90 10.01 13.65
N GLU A 36 -11.89 9.95 14.54
CA GLU A 36 -13.27 9.70 14.14
C GLU A 36 -13.91 10.98 13.60
N SER A 37 -14.80 10.80 12.63
CA SER A 37 -15.56 11.91 12.03
C SER A 37 -17.03 11.50 12.12
N ARG A 38 -17.76 12.10 13.06
CA ARG A 38 -19.12 11.65 13.31
C ARG A 38 -20.02 11.98 12.12
N GLY A 39 -20.96 11.08 11.85
CA GLY A 39 -21.86 11.29 10.72
C GLY A 39 -21.30 10.95 9.36
N SER A 40 -19.99 10.93 9.17
CA SER A 40 -19.44 10.39 7.93
C SER A 40 -19.47 8.88 7.98
N ARG A 41 -19.84 8.26 6.87
CA ARG A 41 -19.83 6.80 6.79
C ARG A 41 -18.69 6.30 5.91
N ARG A 42 -17.69 7.14 5.66
CA ARG A 42 -16.50 6.76 4.91
C ARG A 42 -15.35 6.49 5.88
N TRP A 43 -14.62 5.41 5.64
CA TRP A 43 -13.55 4.96 6.53
C TRP A 43 -12.30 4.69 5.70
N LEU A 44 -11.21 5.38 6.05
CA LEU A 44 -9.95 5.26 5.32
C LEU A 44 -8.93 4.60 6.25
N LEU A 45 -8.48 3.43 5.87
CA LEU A 45 -7.47 2.69 6.64
C LEU A 45 -6.20 2.67 5.80
N PHE A 46 -5.16 3.37 6.27
CA PHE A 46 -3.93 3.57 5.52
C PHE A 46 -2.82 2.67 6.06
N LEU A 47 -2.20 1.88 5.19
CA LEU A 47 -1.09 1.00 5.56
C LEU A 47 0.23 1.71 5.31
N GLU A 48 1.00 1.93 6.37
CA GLU A 48 2.33 2.52 6.22
C GLU A 48 3.24 1.56 5.43
N GLY A 49 4.26 2.13 4.77
CA GLY A 49 5.29 1.35 4.10
C GLY A 49 6.60 1.35 4.88
N GLY A 50 7.65 0.85 4.21
CA GLY A 50 8.97 0.86 4.78
C GLY A 50 9.79 -0.41 4.59
N TRP A 51 9.82 -0.91 3.35
CA TRP A 51 10.65 -2.06 2.93
C TRP A 51 10.21 -3.31 3.71
N TYR A 52 11.14 -4.16 4.15
CA TYR A 52 10.86 -5.42 4.79
C TYR A 52 12.18 -6.07 5.18
N CYS A 53 12.13 -7.22 5.84
CA CYS A 53 13.34 -8.00 6.06
C CYS A 53 13.02 -9.46 5.80
N PHE A 54 13.98 -10.23 5.27
CA PHE A 54 13.68 -11.58 4.81
C PHE A 54 14.53 -12.67 5.45
N ASN A 55 15.37 -12.36 6.43
CA ASN A 55 16.03 -13.40 7.21
C ASN A 55 16.40 -12.84 8.57
N ARG A 56 16.92 -13.70 9.43
CA ARG A 56 17.21 -13.32 10.81
C ARG A 56 18.24 -12.21 10.86
N GLU A 57 19.34 -12.37 10.11
CA GLU A 57 20.42 -11.40 10.13
C GLU A 57 19.94 -10.02 9.68
N ASN A 58 19.13 -9.93 8.62
CA ASN A 58 18.78 -8.56 8.24
C ASN A 58 17.57 -8.05 9.02
N CYS A 59 16.77 -8.94 9.63
CA CYS A 59 15.77 -8.46 10.59
C CYS A 59 16.42 -7.98 11.88
N ASP A 60 17.51 -8.64 12.31
CA ASP A 60 18.27 -8.15 13.45
C ASP A 60 18.83 -6.75 13.21
N SER A 61 19.36 -6.52 12.00
N SER A 61 19.34 -6.50 12.00
CA SER A 61 19.86 -5.20 11.64
CA SER A 61 19.87 -5.18 11.71
C SER A 61 18.76 -4.16 11.70
C SER A 61 18.76 -4.14 11.69
N ARG A 62 17.60 -4.48 11.11
CA ARG A 62 16.45 -3.57 11.14
C ARG A 62 15.98 -3.30 12.57
N TYR A 63 16.09 -4.29 13.45
CA TYR A 63 15.72 -4.05 14.84
C TYR A 63 16.65 -3.06 15.53
N ASP A 64 17.89 -2.94 15.07
CA ASP A 64 18.83 -2.00 15.67
C ASP A 64 18.55 -0.57 15.27
N THR A 65 18.18 -0.34 14.01
CA THR A 65 18.20 1.01 13.47
C THR A 65 16.86 1.42 12.86
N MET A 66 15.86 0.55 12.89
CA MET A 66 14.54 0.87 12.39
C MET A 66 13.51 0.24 13.32
N ARG A 67 13.71 0.43 14.64
CA ARG A 67 12.96 -0.36 15.60
C ARG A 67 11.48 0.01 15.62
N ARG A 68 11.14 1.25 15.29
CA ARG A 68 9.72 1.61 15.26
C ARG A 68 8.96 0.86 14.17
N LEU A 69 9.68 0.32 13.18
CA LEU A 69 9.04 -0.52 12.16
C LEU A 69 8.98 -1.99 12.56
N MET A 70 9.30 -2.30 13.82
CA MET A 70 9.32 -3.67 14.30
C MET A 70 8.74 -3.79 15.71
N SER A 71 8.21 -2.71 16.27
CA SER A 71 7.89 -2.67 17.69
C SER A 71 7.02 -1.44 17.96
N SER A 72 6.04 -1.59 18.86
CA SER A 72 5.22 -0.45 19.26
C SER A 72 5.72 0.21 20.54
N ARG A 73 6.80 -0.31 21.14
CA ARG A 73 7.19 0.14 22.48
C ARG A 73 7.46 1.63 22.54
N ASP A 74 7.93 2.24 21.43
CA ASP A 74 8.27 3.65 21.42
C ASP A 74 7.34 4.50 20.54
N TRP A 75 6.20 3.97 20.11
CA TRP A 75 5.31 4.76 19.29
C TRP A 75 4.76 5.95 20.08
N PRO A 76 4.56 7.08 19.42
CA PRO A 76 3.94 8.22 20.09
C PRO A 76 2.44 8.04 20.25
N ARG A 77 1.89 8.83 21.18
CA ARG A 77 0.45 8.78 21.47
C ARG A 77 -0.38 9.34 20.33
N THR A 78 0.19 10.23 19.52
CA THR A 78 -0.59 10.83 18.44
C THR A 78 0.24 10.85 17.16
N ARG A 79 -0.46 11.14 16.06
CA ARG A 79 0.12 11.37 14.75
C ARG A 79 -0.72 12.46 14.10
N THR A 80 -0.08 13.33 13.32
CA THR A 80 -0.83 14.29 12.50
C THR A 80 -1.21 13.65 11.17
N GLY A 81 -2.49 13.68 10.84
CA GLY A 81 -2.92 13.23 9.54
C GLY A 81 -2.49 14.21 8.48
N THR A 82 -1.78 13.71 7.46
CA THR A 82 -1.33 14.53 6.34
C THR A 82 -1.82 13.94 5.04
N GLY A 83 -1.95 14.80 4.02
CA GLY A 83 -2.38 14.35 2.71
C GLY A 83 -3.79 13.82 2.75
N ILE A 84 -3.96 12.58 2.27
CA ILE A 84 -5.28 11.98 2.25
C ILE A 84 -5.79 11.66 3.66
N LEU A 85 -4.90 11.66 4.66
CA LEU A 85 -5.29 11.53 6.05
C LEU A 85 -5.55 12.89 6.72
N SER A 86 -5.44 14.00 5.99
CA SER A 86 -5.74 15.30 6.57
C SER A 86 -7.25 15.53 6.62
N SER A 87 -7.70 16.18 7.69
CA SER A 87 -9.10 16.51 7.88
C SER A 87 -9.46 17.88 7.35
N GLN A 88 -8.52 18.62 6.79
CA GLN A 88 -8.76 19.94 6.24
C GLN A 88 -8.98 19.87 4.73
N PRO A 89 -10.10 20.40 4.23
CA PRO A 89 -10.36 20.34 2.77
C PRO A 89 -9.27 20.96 1.94
N GLU A 90 -8.58 21.98 2.47
CA GLU A 90 -7.55 22.63 1.68
C GLU A 90 -6.42 21.67 1.35
N GLU A 91 -6.10 20.76 2.28
CA GLU A 91 -5.03 19.79 2.07
C GLU A 91 -5.55 18.48 1.48
N ASN A 92 -6.82 18.15 1.70
CA ASN A 92 -7.40 16.88 1.28
C ASN A 92 -8.76 17.16 0.67
N PRO A 93 -8.79 17.61 -0.58
CA PRO A 93 -10.07 17.83 -1.27
C PRO A 93 -10.90 16.58 -1.44
N TYR A 94 -10.30 15.40 -1.32
CA TYR A 94 -10.99 14.16 -1.64
C TYR A 94 -11.88 13.69 -0.49
N TRP A 95 -11.28 13.37 0.65
CA TRP A 95 -11.99 12.68 1.74
C TRP A 95 -11.75 13.36 3.08
N TRP A 96 -11.72 14.71 3.11
CA TRP A 96 -11.36 15.43 4.33
C TRP A 96 -12.29 15.12 5.50
N ASN A 97 -13.53 14.73 5.24
CA ASN A 97 -14.54 14.49 6.28
C ASN A 97 -14.58 13.04 6.75
N ALA A 98 -13.69 12.19 6.25
CA ALA A 98 -13.75 10.77 6.55
C ALA A 98 -13.16 10.44 7.92
N ASN A 99 -13.55 9.29 8.45
CA ASN A 99 -12.87 8.70 9.58
C ASN A 99 -11.48 8.22 9.13
N MET A 100 -10.46 8.59 9.87
CA MET A 100 -9.09 8.40 9.45
C MET A 100 -8.39 7.38 10.33
N VAL A 101 -7.77 6.37 9.70
CA VAL A 101 -7.03 5.35 10.42
C VAL A 101 -5.65 5.19 9.78
N PHE A 102 -4.60 5.28 10.59
CA PHE A 102 -3.23 5.06 10.16
C PHE A 102 -2.76 3.78 10.84
N ILE A 103 -2.45 2.76 10.05
CA ILE A 103 -2.00 1.50 10.64
C ILE A 103 -0.48 1.43 10.53
N PRO A 104 0.25 1.63 11.63
CA PRO A 104 1.72 1.52 11.56
C PRO A 104 2.18 0.17 11.04
N TYR A 105 3.25 0.19 10.26
CA TYR A 105 3.86 -1.00 9.68
C TYR A 105 4.90 -1.51 10.67
N CYS A 106 4.57 -2.57 11.42
CA CYS A 106 5.56 -3.09 12.37
C CYS A 106 5.78 -4.59 12.20
N SER A 107 5.51 -5.14 11.01
CA SER A 107 5.66 -6.57 10.79
C SER A 107 6.70 -6.93 9.73
N SER A 108 7.23 -5.97 8.96
CA SER A 108 8.39 -6.17 8.08
C SER A 108 8.13 -7.26 7.04
N ASP A 109 6.86 -7.45 6.67
CA ASP A 109 6.47 -8.58 5.84
C ASP A 109 5.62 -8.15 4.66
N VAL A 110 5.67 -6.88 4.25
CA VAL A 110 4.84 -6.36 3.16
C VAL A 110 3.37 -6.68 3.44
N TRP A 111 3.02 -6.76 4.72
CA TRP A 111 1.63 -6.94 5.19
C TRP A 111 1.08 -8.30 4.81
N SER A 112 1.96 -9.31 4.65
CA SER A 112 1.54 -10.62 4.19
C SER A 112 1.61 -11.72 5.25
N GLY A 113 2.20 -11.45 6.42
CA GLY A 113 2.51 -12.52 7.34
C GLY A 113 1.34 -12.93 8.21
N ALA A 114 1.40 -14.19 8.67
CA ALA A 114 0.44 -14.71 9.65
C ALA A 114 1.13 -15.71 10.57
N SER A 115 2.26 -15.32 11.14
N SER A 115 2.29 -15.34 11.12
CA SER A 115 3.13 -16.21 11.90
CA SER A 115 3.08 -16.27 11.91
C SER A 115 3.49 -15.57 13.23
C SER A 115 3.51 -15.60 13.22
N SER A 116 3.17 -16.25 14.34
CA SER A 116 3.47 -15.73 15.65
C SER A 116 4.93 -15.94 16.02
N LYS A 117 5.42 -15.09 16.92
CA LYS A 117 6.72 -15.31 17.54
C LYS A 117 6.60 -16.45 18.54
N SER A 118 7.54 -17.40 18.48
CA SER A 118 7.43 -18.62 19.28
C SER A 118 8.83 -19.08 19.66
N GLU A 119 8.94 -20.36 20.07
CA GLU A 119 10.26 -20.88 20.36
C GLU A 119 11.10 -21.02 19.10
N LYS A 120 10.45 -21.25 17.95
CA LYS A 120 11.13 -21.49 16.69
C LYS A 120 11.29 -20.23 15.82
N ASN A 121 10.62 -19.12 16.17
CA ASN A 121 10.65 -17.89 15.39
C ASN A 121 11.10 -16.75 16.28
N GLU A 122 12.24 -16.13 15.94
CA GLU A 122 12.70 -14.97 16.72
C GLU A 122 11.73 -13.79 16.58
N TYR A 123 11.04 -13.67 15.45
CA TYR A 123 10.12 -12.57 15.22
C TYR A 123 8.75 -13.06 14.80
N ALA A 124 7.74 -12.27 15.15
CA ALA A 124 6.39 -12.47 14.63
C ALA A 124 6.22 -11.69 13.34
N PHE A 125 5.65 -12.34 12.32
CA PHE A 125 5.32 -11.69 11.05
C PHE A 125 3.81 -11.79 10.89
N MET A 126 3.07 -10.77 11.30
CA MET A 126 1.61 -10.90 11.33
C MET A 126 0.88 -9.80 10.58
N GLY A 127 1.53 -9.19 9.58
CA GLY A 127 0.91 -8.09 8.86
C GLY A 127 -0.52 -8.35 8.43
N ALA A 128 -0.78 -9.50 7.80
CA ALA A 128 -2.13 -9.77 7.31
C ALA A 128 -3.15 -9.87 8.45
N LEU A 129 -2.71 -10.37 9.61
CA LEU A 129 -3.61 -10.51 10.77
C LEU A 129 -3.78 -9.19 11.50
N ILE A 130 -2.75 -8.33 11.48
CA ILE A 130 -2.88 -6.99 12.03
C ILE A 130 -4.02 -6.24 11.34
N ILE A 131 -4.06 -6.32 10.01
CA ILE A 131 -5.10 -5.62 9.26
C ILE A 131 -6.48 -6.15 9.64
N GLN A 132 -6.62 -7.47 9.69
CA GLN A 132 -7.90 -8.07 10.05
C GLN A 132 -8.32 -7.66 11.46
N GLU A 133 -7.36 -7.64 12.38
CA GLU A 133 -7.68 -7.33 13.77
C GLU A 133 -8.05 -5.86 13.92
N VAL A 134 -7.38 -4.97 13.19
CA VAL A 134 -7.78 -3.57 13.15
C VAL A 134 -9.22 -3.46 12.64
N VAL A 135 -9.52 -4.13 11.53
CA VAL A 135 -10.86 -4.07 10.99
C VAL A 135 -11.87 -4.60 12.01
N ARG A 136 -11.55 -5.71 12.69
CA ARG A 136 -12.45 -6.25 13.71
C ARG A 136 -12.73 -5.23 14.81
N GLU A 137 -11.68 -4.70 15.43
CA GLU A 137 -11.86 -3.79 16.56
C GLU A 137 -12.49 -2.45 16.16
N LEU A 138 -12.38 -2.04 14.88
CA LEU A 138 -13.00 -0.79 14.47
C LEU A 138 -14.50 -0.88 14.28
N LEU A 139 -15.04 -2.07 14.01
CA LEU A 139 -16.48 -2.19 13.82
C LEU A 139 -17.24 -1.66 15.04
N GLY A 140 -16.69 -1.87 16.23
CA GLY A 140 -17.29 -1.35 17.45
C GLY A 140 -17.08 0.13 17.70
N ARG A 141 -16.29 0.80 16.88
CA ARG A 141 -16.05 2.23 17.03
C ARG A 141 -16.68 3.03 15.92
N GLY A 142 -17.61 2.45 15.16
CA GLY A 142 -18.29 3.13 14.08
C GLY A 142 -18.19 2.48 12.72
N LEU A 143 -17.20 1.60 12.49
CA LEU A 143 -17.07 0.99 11.16
C LEU A 143 -18.29 0.16 10.80
N SER A 144 -19.02 -0.35 11.80
CA SER A 144 -20.25 -1.09 11.51
C SER A 144 -21.23 -0.26 10.69
N GLY A 145 -21.26 1.05 10.91
CA GLY A 145 -22.14 1.90 10.12
C GLY A 145 -21.59 2.39 8.80
N ALA A 146 -20.43 1.92 8.38
CA ALA A 146 -19.78 2.48 7.19
C ALA A 146 -20.51 2.07 5.91
N LYS A 147 -20.49 2.99 4.93
CA LYS A 147 -20.84 2.70 3.55
C LYS A 147 -19.63 2.31 2.71
N VAL A 148 -18.49 2.96 2.95
CA VAL A 148 -17.27 2.72 2.18
C VAL A 148 -16.10 2.53 3.13
N LEU A 149 -15.33 1.46 2.95
CA LEU A 149 -14.05 1.31 3.63
C LEU A 149 -12.97 1.31 2.54
N LEU A 150 -12.16 2.38 2.51
CA LEU A 150 -11.09 2.49 1.51
C LEU A 150 -9.80 2.03 2.19
N LEU A 151 -9.23 0.92 1.72
CA LEU A 151 -7.99 0.41 2.26
C LEU A 151 -6.85 0.96 1.41
N ALA A 152 -6.13 1.94 1.94
CA ALA A 152 -5.07 2.64 1.22
C ALA A 152 -3.71 2.30 1.81
N GLY A 153 -2.67 2.68 1.08
CA GLY A 153 -1.34 2.37 1.54
C GLY A 153 -0.27 2.83 0.58
N SER A 154 0.94 3.10 1.08
CA SER A 154 2.05 3.61 0.29
C SER A 154 3.23 2.66 0.37
N SER A 155 3.90 2.46 -0.76
CA SER A 155 5.17 1.70 -0.80
C SER A 155 4.88 0.26 -0.41
N ALA A 156 5.57 -0.33 0.56
CA ALA A 156 5.19 -1.67 1.02
C ALA A 156 3.73 -1.71 1.44
N GLY A 157 3.17 -0.57 1.89
CA GLY A 157 1.77 -0.56 2.23
C GLY A 157 0.86 -0.57 1.02
N GLY A 158 1.34 -0.01 -0.09
CA GLY A 158 0.59 -0.10 -1.34
C GLY A 158 0.51 -1.53 -1.84
N THR A 159 1.62 -2.26 -1.79
CA THR A 159 1.55 -3.69 -2.10
C THR A 159 0.67 -4.42 -1.09
N GLY A 160 0.68 -3.97 0.16
CA GLY A 160 -0.19 -4.58 1.17
C GLY A 160 -1.66 -4.42 0.85
N VAL A 161 -2.04 -3.30 0.20
CA VAL A 161 -3.42 -3.12 -0.25
C VAL A 161 -3.79 -4.22 -1.22
N LEU A 162 -2.91 -4.45 -2.21
CA LEU A 162 -3.18 -5.47 -3.22
C LEU A 162 -3.31 -6.86 -2.61
N LEU A 163 -2.49 -7.17 -1.59
CA LEU A 163 -2.52 -8.49 -0.95
C LEU A 163 -3.69 -8.69 0.00
N ASN A 164 -4.26 -7.61 0.53
CA ASN A 164 -5.24 -7.74 1.61
C ASN A 164 -6.65 -7.23 1.29
N VAL A 165 -6.87 -6.50 0.19
CA VAL A 165 -8.15 -5.81 0.05
C VAL A 165 -9.29 -6.82 -0.06
N ASP A 166 -9.10 -7.89 -0.84
CA ASP A 166 -10.16 -8.89 -0.98
C ASP A 166 -10.38 -9.67 0.31
N ARG A 167 -9.34 -9.81 1.14
CA ARG A 167 -9.55 -10.50 2.41
C ARG A 167 -10.31 -9.63 3.41
N VAL A 168 -10.12 -8.32 3.35
CA VAL A 168 -10.93 -7.41 4.15
C VAL A 168 -12.40 -7.47 3.74
N ALA A 169 -12.65 -7.53 2.43
CA ALA A 169 -14.03 -7.65 1.96
C ALA A 169 -14.65 -8.97 2.41
N GLU A 170 -13.93 -10.08 2.27
CA GLU A 170 -14.46 -11.39 2.66
C GLU A 170 -14.66 -11.47 4.17
N GLN A 171 -13.78 -10.84 4.95
CA GLN A 171 -13.92 -10.83 6.40
C GLN A 171 -15.20 -10.10 6.83
N LEU A 172 -15.55 -9.03 6.13
CA LEU A 172 -16.74 -8.27 6.50
C LEU A 172 -18.00 -8.94 6.00
N GLU A 173 -17.91 -9.72 4.91
CA GLU A 173 -19.07 -10.47 4.43
C GLU A 173 -19.44 -11.58 5.41
N LYS A 174 -18.46 -12.39 5.81
CA LYS A 174 -18.72 -13.46 6.77
C LYS A 174 -18.99 -12.94 8.18
N LEU A 175 -18.73 -11.66 8.44
CA LEU A 175 -19.07 -11.07 9.73
C LEU A 175 -20.45 -10.43 9.74
N GLY A 176 -21.16 -10.43 8.62
CA GLY A 176 -22.51 -9.93 8.57
C GLY A 176 -22.67 -8.51 8.07
N TYR A 177 -21.67 -7.95 7.39
CA TYR A 177 -21.72 -6.57 6.91
C TYR A 177 -21.49 -6.56 5.40
N PRO A 178 -22.50 -6.94 4.61
CA PRO A 178 -22.34 -6.94 3.16
C PRO A 178 -22.58 -5.58 2.54
N ALA A 179 -23.02 -4.60 3.32
CA ALA A 179 -23.29 -3.26 2.79
C ALA A 179 -22.06 -2.37 2.76
N ILE A 180 -21.07 -2.66 3.60
CA ILE A 180 -19.80 -1.93 3.55
C ILE A 180 -19.10 -2.24 2.23
N GLN A 181 -18.94 -1.23 1.40
CA GLN A 181 -18.20 -1.42 0.16
C GLN A 181 -16.71 -1.29 0.42
N VAL A 182 -15.96 -2.37 0.21
CA VAL A 182 -14.52 -2.36 0.42
C VAL A 182 -13.84 -1.99 -0.89
N ARG A 183 -12.89 -1.05 -0.85
CA ARG A 183 -12.15 -0.59 -2.01
C ARG A 183 -10.66 -0.47 -1.66
N GLY A 184 -9.83 -0.38 -2.68
CA GLY A 184 -8.40 -0.30 -2.48
C GLY A 184 -7.79 0.88 -3.19
N LEU A 185 -6.73 1.42 -2.57
CA LEU A 185 -5.95 2.51 -3.17
C LEU A 185 -4.48 2.17 -2.94
N ALA A 186 -3.79 1.72 -3.99
CA ALA A 186 -2.41 1.26 -3.86
C ALA A 186 -1.47 2.31 -4.43
N ASP A 187 -0.70 2.96 -3.55
CA ASP A 187 0.23 4.03 -3.88
C ASP A 187 1.66 3.49 -3.85
N SER A 188 2.37 3.59 -4.98
CA SER A 188 3.78 3.25 -5.06
C SER A 188 4.07 1.81 -4.62
N GLY A 189 3.12 0.91 -4.83
CA GLY A 189 3.35 -0.49 -4.51
C GLY A 189 3.23 -1.40 -5.71
N TRP A 190 3.42 -0.85 -6.92
CA TRP A 190 3.18 -1.54 -8.20
C TRP A 190 4.54 -1.71 -8.88
N PHE A 191 5.17 -2.87 -8.66
CA PHE A 191 6.55 -3.08 -9.04
C PHE A 191 6.68 -4.10 -10.17
N LEU A 192 7.83 -4.05 -10.83
CA LEU A 192 8.14 -4.93 -11.95
C LEU A 192 9.22 -5.90 -11.53
N ASP A 193 9.01 -7.18 -11.85
CA ASP A 193 10.03 -8.20 -11.58
C ASP A 193 10.98 -8.28 -12.78
N ASN A 194 11.66 -7.16 -13.01
CA ASN A 194 12.45 -6.96 -14.21
C ASN A 194 13.91 -7.26 -13.95
N LYS A 195 14.72 -7.19 -15.00
CA LYS A 195 16.15 -7.40 -14.89
C LYS A 195 16.83 -6.12 -14.39
N GLN A 196 17.81 -6.28 -13.50
CA GLN A 196 18.53 -5.12 -12.98
C GLN A 196 19.40 -4.48 -14.06
N TYR A 197 19.64 -3.18 -13.90
CA TYR A 197 20.51 -2.48 -14.84
C TYR A 197 21.94 -3.01 -14.73
N ARG A 198 22.40 -3.26 -13.50
CA ARG A 198 23.69 -3.88 -13.21
C ARG A 198 23.44 -4.97 -12.17
N HIS A 199 23.86 -6.20 -12.49
CA HIS A 199 23.35 -7.38 -11.82
C HIS A 199 24.05 -7.60 -10.48
N THR A 200 23.87 -8.80 -9.93
CA THR A 200 24.53 -9.24 -8.71
C THR A 200 24.72 -10.74 -8.80
N ALA A 209 17.62 -7.67 -5.92
CA ALA A 209 16.64 -8.08 -6.92
C ALA A 209 15.38 -8.62 -6.25
N PRO A 210 14.22 -8.03 -6.58
CA PRO A 210 13.03 -8.25 -5.73
C PRO A 210 12.56 -9.69 -5.69
N THR A 211 12.62 -10.41 -6.82
CA THR A 211 12.08 -11.76 -6.87
C THR A 211 12.65 -12.65 -5.78
N GLU A 212 13.97 -12.74 -5.67
CA GLU A 212 14.53 -13.67 -4.69
C GLU A 212 14.28 -13.18 -3.27
N ALA A 213 14.28 -11.87 -3.05
CA ALA A 213 14.02 -11.37 -1.70
C ALA A 213 12.61 -11.72 -1.25
N ILE A 214 11.63 -11.61 -2.16
CA ILE A 214 10.26 -11.96 -1.82
C ILE A 214 10.08 -13.48 -1.67
N ARG A 215 10.73 -14.28 -2.53
CA ARG A 215 10.59 -15.72 -2.35
C ARG A 215 11.11 -16.16 -0.98
N ARG A 216 12.22 -15.59 -0.53
CA ARG A 216 12.72 -15.90 0.81
C ARG A 216 11.82 -15.31 1.88
N GLY A 217 11.37 -14.07 1.69
CA GLY A 217 10.45 -13.46 2.63
C GLY A 217 9.23 -14.31 2.89
N ILE A 218 8.55 -14.75 1.81
CA ILE A 218 7.33 -15.53 1.99
C ILE A 218 7.57 -16.75 2.85
N ARG A 219 8.64 -17.49 2.56
CA ARG A 219 8.97 -18.64 3.41
C ARG A 219 9.26 -18.19 4.83
N TYR A 220 10.12 -17.17 4.98
CA TYR A 220 10.50 -16.70 6.31
C TYR A 220 9.29 -16.19 7.09
N TRP A 221 8.33 -15.57 6.40
CA TRP A 221 7.18 -14.96 7.07
C TRP A 221 5.98 -15.88 7.21
N ASN A 222 5.96 -17.02 6.50
CA ASN A 222 4.71 -17.74 6.27
C ASN A 222 3.71 -16.78 5.63
N GLY A 223 4.15 -16.10 4.57
CA GLY A 223 3.34 -15.08 3.94
C GLY A 223 2.18 -15.67 3.16
N VAL A 224 1.05 -14.95 3.16
CA VAL A 224 -0.15 -15.41 2.47
C VAL A 224 -0.52 -14.38 1.40
N VAL A 225 -1.10 -14.87 0.31
CA VAL A 225 -1.41 -14.05 -0.85
C VAL A 225 -2.90 -14.23 -1.15
N PRO A 226 -3.52 -13.40 -2.01
CA PRO A 226 -4.96 -13.57 -2.27
C PRO A 226 -5.27 -14.89 -2.96
N GLU A 227 -6.47 -15.41 -2.67
CA GLU A 227 -6.79 -16.82 -2.94
C GLU A 227 -6.73 -17.14 -4.43
N ARG A 228 -7.36 -16.33 -5.26
CA ARG A 228 -7.39 -16.63 -6.69
C ARG A 228 -6.00 -16.55 -7.30
N CYS A 229 -5.22 -15.53 -6.90
CA CYS A 229 -3.85 -15.44 -7.37
C CYS A 229 -3.04 -16.67 -6.94
N ARG A 230 -3.21 -17.09 -5.69
CA ARG A 230 -2.56 -18.30 -5.20
C ARG A 230 -2.96 -19.53 -6.01
N ARG A 231 -4.21 -19.61 -6.43
CA ARG A 231 -4.65 -20.77 -7.19
C ARG A 231 -4.08 -20.77 -8.61
N GLN A 232 -3.77 -19.58 -9.15
CA GLN A 232 -3.17 -19.53 -10.49
C GLN A 232 -1.70 -19.95 -10.44
N PHE A 233 -0.93 -19.37 -9.52
CA PHE A 233 0.51 -19.62 -9.51
C PHE A 233 0.90 -20.84 -8.68
N GLN A 234 0.07 -21.19 -7.70
CA GLN A 234 0.20 -22.42 -6.90
C GLN A 234 1.46 -22.50 -6.06
N GLU A 235 1.64 -23.64 -5.39
CA GLU A 235 2.66 -23.76 -4.36
C GLU A 235 4.05 -23.49 -4.91
N GLY A 236 4.87 -22.84 -4.08
CA GLY A 236 6.21 -22.47 -4.44
C GLY A 236 6.34 -21.23 -5.30
N GLU A 237 5.23 -20.74 -5.84
CA GLU A 237 5.27 -19.62 -6.80
C GLU A 237 4.43 -18.43 -6.33
N GLU A 238 4.07 -18.39 -5.04
CA GLU A 238 3.25 -17.33 -4.47
C GLU A 238 3.93 -15.97 -4.56
N TRP A 239 5.26 -15.94 -4.68
CA TRP A 239 5.96 -14.67 -4.77
C TRP A 239 5.41 -13.82 -5.91
N ASN A 240 4.83 -14.47 -6.92
CA ASN A 240 4.30 -13.78 -8.10
C ASN A 240 3.20 -12.80 -7.72
N CYS A 241 2.46 -13.10 -6.66
CA CYS A 241 1.30 -12.31 -6.27
C CYS A 241 1.66 -11.02 -5.55
N PHE A 242 2.95 -10.80 -5.26
CA PHE A 242 3.45 -9.54 -4.73
C PHE A 242 3.67 -8.50 -5.81
N PHE A 243 3.48 -8.87 -7.07
CA PHE A 243 3.71 -7.99 -8.19
C PHE A 243 2.37 -7.54 -8.76
N GLY A 244 2.11 -6.25 -8.63
CA GLY A 244 0.84 -5.66 -9.00
C GLY A 244 0.24 -6.14 -10.30
N TYR A 245 1.01 -6.15 -11.39
CA TYR A 245 0.43 -6.49 -12.69
C TYR A 245 0.00 -7.95 -12.77
N LYS A 246 0.45 -8.79 -11.84
CA LYS A 246 0.04 -10.19 -11.79
C LYS A 246 -1.11 -10.44 -10.83
N VAL A 247 -1.12 -9.77 -9.66
CA VAL A 247 -2.16 -10.04 -8.68
C VAL A 247 -3.43 -9.24 -9.02
N TYR A 248 -3.28 -8.04 -9.54
CA TYR A 248 -4.43 -7.15 -9.75
C TYR A 248 -5.56 -7.74 -10.60
N PRO A 249 -5.31 -8.43 -11.72
CA PRO A 249 -6.46 -8.97 -12.49
C PRO A 249 -7.23 -10.06 -11.75
N THR A 250 -6.69 -10.61 -10.67
CA THR A 250 -7.41 -11.62 -9.91
C THR A 250 -8.31 -11.03 -8.83
N LEU A 251 -8.18 -9.73 -8.53
CA LEU A 251 -8.91 -9.13 -7.42
C LEU A 251 -10.34 -8.78 -7.82
N ARG A 252 -11.27 -8.97 -6.87
CA ARG A 252 -12.67 -8.59 -7.08
C ARG A 252 -12.96 -7.17 -6.62
N SER A 253 -12.33 -6.71 -5.53
CA SER A 253 -12.59 -5.35 -5.07
C SER A 253 -12.08 -4.32 -6.08
N PRO A 254 -12.77 -3.19 -6.20
CA PRO A 254 -12.22 -2.08 -6.99
C PRO A 254 -10.93 -1.56 -6.35
N VAL A 255 -9.90 -1.35 -7.16
CA VAL A 255 -8.60 -0.88 -6.68
C VAL A 255 -8.11 0.23 -7.60
N PHE A 256 -7.80 1.40 -7.03
CA PHE A 256 -7.17 2.50 -7.73
C PHE A 256 -5.65 2.41 -7.54
N VAL A 257 -4.90 2.47 -8.64
CA VAL A 257 -3.46 2.26 -8.62
C VAL A 257 -2.76 3.60 -8.89
N VAL A 258 -1.92 4.04 -7.96
CA VAL A 258 -1.13 5.25 -8.13
C VAL A 258 0.32 4.82 -8.21
N GLN A 259 1.01 5.20 -9.29
CA GLN A 259 2.38 4.70 -9.45
C GLN A 259 3.20 5.68 -10.27
N TRP A 260 4.23 6.27 -9.66
CA TRP A 260 5.22 6.99 -10.44
C TRP A 260 5.81 6.05 -11.50
N LEU A 261 6.00 6.56 -12.72
CA LEU A 261 6.55 5.70 -13.77
C LEU A 261 7.99 5.30 -13.45
N PHE A 262 8.70 6.16 -12.76
CA PHE A 262 10.08 5.93 -12.38
C PHE A 262 10.18 5.96 -10.86
N ASP A 263 9.58 4.95 -10.22
CA ASP A 263 9.59 4.87 -8.77
C ASP A 263 11.01 4.67 -8.23
N GLU A 264 11.38 5.46 -7.21
CA GLU A 264 12.75 5.39 -6.66
C GLU A 264 13.06 4.03 -6.06
N ALA A 265 12.07 3.39 -5.43
CA ALA A 265 12.32 2.05 -4.90
C ALA A 265 12.53 1.05 -6.03
N GLN A 266 11.78 1.18 -7.11
CA GLN A 266 12.01 0.35 -8.30
C GLN A 266 13.43 0.55 -8.83
N LEU A 267 13.86 1.80 -8.99
CA LEU A 267 15.21 2.05 -9.50
C LEU A 267 16.27 1.56 -8.54
N THR A 268 16.04 1.73 -7.24
CA THR A 268 16.97 1.19 -6.24
C THR A 268 17.20 -0.31 -6.42
N VAL A 269 16.11 -1.11 -6.43
CA VAL A 269 16.30 -2.55 -6.59
C VAL A 269 16.81 -2.89 -7.97
N ASP A 270 16.70 -1.97 -8.94
CA ASP A 270 17.28 -2.18 -10.25
C ASP A 270 18.73 -1.70 -10.37
N ASN A 271 19.33 -1.24 -9.26
CA ASN A 271 20.71 -0.74 -9.20
C ASN A 271 20.91 0.39 -10.21
N VAL A 272 19.97 1.32 -10.22
CA VAL A 272 20.04 2.56 -10.99
C VAL A 272 20.18 3.69 -10.00
N HIS A 273 21.30 4.41 -10.06
CA HIS A 273 21.55 5.54 -9.18
C HIS A 273 21.89 6.78 -9.99
N VAL A 279 24.06 10.99 -18.30
CA VAL A 279 23.47 9.66 -18.51
C VAL A 279 23.77 9.13 -19.90
N GLN A 280 24.45 7.99 -20.00
CA GLN A 280 24.81 7.46 -21.30
C GLN A 280 23.67 6.60 -21.88
N GLU A 281 23.89 6.15 -23.13
CA GLU A 281 22.83 5.53 -23.91
C GLU A 281 22.23 4.31 -23.21
N GLY A 282 23.08 3.39 -22.75
CA GLY A 282 22.58 2.17 -22.13
C GLY A 282 21.61 2.44 -20.99
N LEU A 283 22.02 3.31 -20.06
CA LEU A 283 21.14 3.67 -18.95
C LEU A 283 19.91 4.44 -19.44
N ARG A 284 20.09 5.30 -20.43
CA ARG A 284 18.94 6.02 -20.97
C ARG A 284 17.90 5.05 -21.52
N LEU A 285 18.34 4.12 -22.37
CA LEU A 285 17.41 3.13 -22.89
C LEU A 285 16.79 2.30 -21.77
N TYR A 286 17.59 1.92 -20.77
CA TYR A 286 17.06 1.11 -19.68
C TYR A 286 15.95 1.86 -18.93
N ILE A 287 16.15 3.15 -18.71
CA ILE A 287 15.16 3.95 -18.01
C ILE A 287 13.93 4.15 -18.88
N GLN A 288 14.12 4.45 -20.16
CA GLN A 288 12.97 4.63 -21.04
C GLN A 288 12.17 3.34 -21.22
N ASN A 289 12.85 2.19 -21.30
CA ASN A 289 12.13 0.93 -21.38
C ASN A 289 11.37 0.63 -20.10
N LEU A 290 11.95 0.96 -18.93
CA LEU A 290 11.24 0.78 -17.68
C LEU A 290 9.92 1.56 -17.67
N GLY A 291 9.97 2.84 -18.03
CA GLY A 291 8.75 3.62 -18.06
C GLY A 291 7.73 3.07 -19.04
N ARG A 292 8.18 2.59 -20.20
CA ARG A 292 7.24 2.01 -21.16
C ARG A 292 6.66 0.69 -20.64
N GLU A 293 7.47 -0.14 -19.98
CA GLU A 293 6.92 -1.37 -19.42
C GLU A 293 5.87 -1.05 -18.35
N LEU A 294 6.15 -0.08 -17.49
N LEU A 294 6.15 -0.08 -17.49
CA LEU A 294 5.17 0.26 -16.46
CA LEU A 294 5.18 0.29 -16.46
C LEU A 294 3.86 0.75 -17.08
C LEU A 294 3.87 0.74 -17.09
N ARG A 295 3.95 1.64 -18.08
CA ARG A 295 2.74 2.08 -18.78
C ARG A 295 1.97 0.91 -19.34
N HIS A 296 2.69 -0.10 -19.87
CA HIS A 296 2.01 -1.23 -20.48
C HIS A 296 1.23 -2.03 -19.45
N THR A 297 1.80 -2.23 -18.26
CA THR A 297 1.09 -2.98 -17.24
C THR A 297 -0.12 -2.25 -16.73
N LEU A 298 -0.20 -0.93 -16.95
CA LEU A 298 -1.33 -0.15 -16.47
C LEU A 298 -2.39 0.08 -17.54
N LYS A 299 -2.20 -0.42 -18.76
CA LYS A 299 -3.08 -0.10 -19.87
C LYS A 299 -4.50 -0.62 -19.63
N ASP A 300 -4.65 -1.72 -18.91
CA ASP A 300 -5.96 -2.30 -18.63
C ASP A 300 -6.37 -2.13 -17.18
N VAL A 301 -5.75 -1.21 -16.46
CA VAL A 301 -6.16 -0.85 -15.10
C VAL A 301 -7.04 0.39 -15.22
N PRO A 302 -8.37 0.28 -15.08
CA PRO A 302 -9.22 1.43 -15.42
C PRO A 302 -9.03 2.65 -14.52
N ALA A 303 -8.79 2.49 -13.22
CA ALA A 303 -8.60 3.62 -12.32
C ALA A 303 -7.13 3.68 -11.91
N SER A 304 -6.38 4.60 -12.51
CA SER A 304 -4.96 4.64 -12.24
C SER A 304 -4.44 6.05 -12.44
N PHE A 305 -3.39 6.39 -11.70
CA PHE A 305 -2.77 7.70 -11.74
C PHE A 305 -1.27 7.46 -11.79
N ALA A 306 -0.64 7.71 -12.93
CA ALA A 306 0.76 7.31 -13.09
C ALA A 306 1.59 8.40 -13.77
N PRO A 307 2.15 9.33 -12.99
CA PRO A 307 2.92 10.42 -13.60
C PRO A 307 4.36 10.05 -13.88
N ALA A 308 4.93 10.73 -14.87
CA ALA A 308 6.29 10.46 -15.32
C ALA A 308 7.25 11.29 -14.46
N CYS A 309 7.43 10.83 -13.23
CA CYS A 309 8.33 11.46 -12.28
C CYS A 309 9.20 10.41 -11.62
N LEU A 310 10.40 10.84 -11.24
CA LEU A 310 11.27 10.10 -10.33
C LEU A 310 10.93 10.54 -8.92
N SER A 311 10.29 9.65 -8.15
CA SER A 311 9.77 10.00 -6.83
C SER A 311 9.36 8.71 -6.13
N HIS A 312 8.84 8.85 -4.91
CA HIS A 312 8.42 7.69 -4.13
C HIS A 312 7.32 8.14 -3.17
N GLU A 313 6.18 7.45 -3.20
CA GLU A 313 4.98 7.75 -2.40
C GLU A 313 4.31 9.06 -2.79
N ILE A 314 3.04 9.20 -2.47
CA ILE A 314 2.39 10.50 -2.68
C ILE A 314 1.22 10.74 -1.73
N ILE A 315 0.43 9.71 -1.40
CA ILE A 315 -0.91 10.01 -0.92
C ILE A 315 -0.95 10.59 0.48
N ILE A 316 0.07 10.39 1.31
CA ILE A 316 0.06 11.07 2.61
C ILE A 316 1.03 12.26 2.65
N ARG A 317 1.56 12.68 1.50
CA ARG A 317 2.36 13.90 1.48
C ARG A 317 1.43 15.11 1.46
N SER A 318 1.82 16.15 2.21
CA SER A 318 0.95 17.31 2.38
C SER A 318 0.62 17.96 1.04
N HIS A 319 1.58 17.97 0.12
CA HIS A 319 1.40 18.60 -1.19
C HIS A 319 1.03 17.60 -2.29
N TRP A 320 0.31 16.53 -1.94
CA TRP A 320 -0.13 15.56 -2.92
C TRP A 320 -1.16 16.12 -3.89
N THR A 321 -1.77 17.27 -3.57
CA THR A 321 -2.68 17.97 -4.46
C THR A 321 -1.98 18.59 -5.65
N ASP A 322 -0.64 18.67 -5.64
CA ASP A 322 0.07 19.48 -6.61
C ASP A 322 0.28 18.76 -7.94
N VAL A 323 0.46 17.45 -7.92
N VAL A 323 0.42 17.43 -7.91
CA VAL A 323 0.79 16.75 -9.17
CA VAL A 323 0.72 16.67 -9.13
C VAL A 323 -0.47 16.59 -10.00
C VAL A 323 -0.52 16.59 -10.00
N GLN A 324 -0.32 16.69 -11.32
CA GLN A 324 -1.41 16.54 -12.27
C GLN A 324 -0.96 15.68 -13.44
N VAL A 325 -1.89 14.90 -13.98
CA VAL A 325 -1.71 14.16 -15.22
C VAL A 325 -2.80 14.58 -16.19
N LYS A 326 -2.39 15.00 -17.39
CA LYS A 326 -3.35 15.51 -18.39
C LYS A 326 -4.27 16.55 -17.76
N GLY A 327 -3.72 17.36 -16.84
CA GLY A 327 -4.47 18.43 -16.23
C GLY A 327 -5.42 18.03 -15.11
N THR A 328 -5.35 16.81 -14.61
CA THR A 328 -6.24 16.35 -13.54
C THR A 328 -5.39 15.94 -12.35
N SER A 329 -5.73 16.45 -11.17
CA SER A 329 -4.97 16.11 -9.97
C SER A 329 -5.37 14.74 -9.45
N LEU A 330 -4.55 14.21 -8.54
CA LEU A 330 -4.91 12.94 -7.93
C LEU A 330 -6.17 13.05 -7.08
N PRO A 331 -6.36 14.07 -6.25
CA PRO A 331 -7.63 14.13 -5.49
C PRO A 331 -8.85 14.18 -6.40
N ARG A 332 -8.74 14.86 -7.53
CA ARG A 332 -9.84 14.86 -8.50
C ARG A 332 -10.05 13.48 -9.09
N ALA A 333 -8.96 12.81 -9.51
CA ALA A 333 -9.09 11.48 -10.11
C ALA A 333 -9.76 10.51 -9.13
N LEU A 334 -9.43 10.63 -7.83
CA LEU A 334 -10.07 9.79 -6.82
C LEU A 334 -11.56 10.10 -6.70
N HIS A 335 -11.92 11.39 -6.68
CA HIS A 335 -13.33 11.77 -6.65
C HIS A 335 -14.08 11.22 -7.87
N CYS A 336 -13.47 11.31 -9.05
CA CYS A 336 -14.10 10.77 -10.26
C CYS A 336 -14.29 9.25 -10.15
N TRP A 337 -13.33 8.58 -9.52
CA TRP A 337 -13.46 7.16 -9.25
C TRP A 337 -14.63 6.89 -8.32
N ASP A 338 -14.76 7.68 -7.26
CA ASP A 338 -15.96 7.60 -6.41
C ASP A 338 -17.22 7.67 -7.25
N ARG A 339 -17.30 8.65 -8.16
CA ARG A 339 -18.52 8.81 -8.96
C ARG A 339 -18.78 7.59 -9.84
N SER A 340 -17.73 7.04 -10.47
CA SER A 340 -17.91 5.90 -11.35
C SER A 340 -18.41 4.66 -10.60
N LEU A 341 -18.18 4.58 -9.29
CA LEU A 341 -18.66 3.46 -8.51
C LEU A 341 -20.04 3.70 -7.91
N HIS A 342 -20.74 4.73 -8.36
CA HIS A 342 -22.15 4.87 -8.02
C HIS A 342 -22.97 3.79 -8.69
N PRO A 351 -18.43 6.30 -19.01
CA PRO A 351 -17.49 7.29 -18.48
C PRO A 351 -18.17 8.61 -18.17
N LEU A 352 -17.50 9.44 -17.35
CA LEU A 352 -18.02 10.72 -16.95
C LEU A 352 -17.41 11.82 -17.82
N LYS A 353 -18.15 12.90 -18.02
CA LYS A 353 -17.65 14.01 -18.80
C LYS A 353 -16.70 14.85 -17.94
N GLY A 354 -15.48 15.08 -18.44
CA GLY A 354 -14.51 15.91 -17.73
C GLY A 354 -14.08 15.40 -16.36
N CYS A 355 -14.29 14.11 -16.06
CA CYS A 355 -13.94 13.52 -14.78
C CYS A 355 -13.25 12.18 -15.03
N PRO A 356 -12.01 12.21 -15.50
CA PRO A 356 -11.33 10.96 -15.88
C PRO A 356 -10.83 10.19 -14.67
N VAL A 357 -10.72 8.88 -14.86
CA VAL A 357 -10.19 7.99 -13.83
C VAL A 357 -8.92 7.26 -14.27
N HIS A 358 -8.65 7.17 -15.57
CA HIS A 358 -7.45 6.50 -16.07
C HIS A 358 -6.49 7.56 -16.57
N LEU A 359 -5.42 7.84 -15.81
CA LEU A 359 -4.51 8.95 -16.11
C LEU A 359 -3.05 8.47 -16.06
N VAL A 360 -2.51 8.10 -17.21
CA VAL A 360 -1.16 7.54 -17.30
C VAL A 360 -0.36 8.43 -18.22
N ASP A 361 0.75 8.98 -17.72
CA ASP A 361 1.59 9.82 -18.58
C ASP A 361 2.15 9.00 -19.72
N SER A 362 2.24 9.61 -20.90
CA SER A 362 2.84 8.95 -22.04
C SER A 362 4.26 9.45 -22.33
N CYS A 363 4.68 10.56 -21.75
CA CYS A 363 6.02 11.06 -22.05
C CYS A 363 7.10 10.16 -21.41
N PRO A 364 8.28 10.08 -22.01
CA PRO A 364 9.17 8.93 -21.76
C PRO A 364 10.33 9.15 -20.77
N TRP A 365 10.39 10.28 -20.05
CA TRP A 365 11.57 10.54 -19.20
C TRP A 365 11.17 11.23 -17.90
N PRO A 366 11.82 10.92 -16.77
CA PRO A 366 11.44 11.57 -15.51
C PRO A 366 11.39 13.08 -15.62
N HIS A 367 10.30 13.66 -15.11
CA HIS A 367 10.04 15.10 -15.04
C HIS A 367 9.68 15.70 -16.39
N CYS A 368 9.32 14.87 -17.37
CA CYS A 368 8.64 15.41 -18.56
C CYS A 368 7.26 15.95 -18.22
N ASN A 369 6.70 15.53 -17.09
CA ASN A 369 5.49 16.12 -16.53
C ASN A 369 5.89 17.31 -15.67
N PRO A 370 5.40 18.51 -15.95
CA PRO A 370 5.92 19.70 -15.25
C PRO A 370 5.47 19.79 -13.80
N SER A 371 4.41 19.09 -13.41
CA SER A 371 3.93 19.14 -12.03
C SER A 371 4.62 18.12 -11.12
N CYS A 372 5.69 17.48 -11.60
CA CYS A 372 6.38 16.49 -10.76
C CYS A 372 6.92 17.18 -9.50
N PRO A 373 7.01 16.45 -8.39
CA PRO A 373 7.58 17.06 -7.18
C PRO A 373 9.04 17.44 -7.40
N THR A 374 9.43 18.58 -6.83
CA THR A 374 10.82 18.99 -6.92
C THR A 374 11.65 18.30 -5.86
S SO4 B . 14.13 3.65 15.86
O1 SO4 B . 13.00 3.32 14.99
O2 SO4 B . 13.69 3.54 17.25
O3 SO4 B . 15.21 2.67 15.64
O4 SO4 B . 14.59 4.99 15.55
C1 NAG C . -6.64 -12.85 18.54
C2 NAG C . -7.90 -13.70 18.50
C3 NAG C . -7.58 -15.13 18.08
C4 NAG C . -6.78 -15.15 16.78
C5 NAG C . -5.58 -14.20 16.86
C6 NAG C . -4.89 -14.04 15.53
C7 NAG C . -9.60 -12.85 20.04
C8 NAG C . -10.20 -12.94 21.41
N2 NAG C . -8.58 -13.68 19.79
O3 NAG C . -8.80 -15.81 17.86
O4 NAG C . -6.34 -16.48 16.52
O5 NAG C . -6.00 -12.89 17.26
O6 NAG C . -5.82 -13.66 14.52
O7 NAG C . -10.02 -12.06 19.20
S DMS D . -15.38 14.76 1.88
O DMS D . -15.01 13.84 3.00
C1 DMS D . -16.78 15.80 2.40
C2 DMS D . -16.18 13.85 0.53
S DMS E . 4.62 5.11 14.49
O DMS E . 6.11 5.28 14.51
C1 DMS E . 4.06 4.86 12.79
C2 DMS E . 3.86 6.73 14.78
C01 U3Q F . 6.95 -5.91 -3.27
C02 U3Q F . 7.31 -6.34 -4.54
C03 U3Q F . 8.41 -5.77 -5.16
C04 U3Q F . 9.13 -4.75 -4.53
C05 U3Q F . 10.23 -4.17 -5.19
C06 U3Q F . 10.95 -3.17 -4.57
C07 U3Q F . 10.59 -2.73 -3.29
C08 U3Q F . 9.53 -3.29 -2.62
C09 U3Q F . 9.21 -2.73 -1.22
C10 U3Q F . 8.31 -1.48 -1.20
C11 U3Q F . 8.90 -0.12 -1.56
C12 U3Q F . 9.81 0.43 -0.47
C13 U3Q F . 9.15 1.15 0.69
C16 U3Q F . 8.77 -4.31 -3.26
C17 U3Q F . 7.67 -4.91 -2.62
O14 U3Q F . 9.37 2.38 0.94
O15 U3Q F . 8.37 0.50 1.45
S SO4 G . 15.06 -17.05 13.18
O1 SO4 G . 14.70 -15.66 12.88
O2 SO4 G . 13.99 -17.67 13.96
O3 SO4 G . 15.26 -17.76 11.92
O4 SO4 G . 16.31 -17.07 13.97
S SO4 H . 24.98 8.97 -25.58
O1 SO4 H . 24.04 9.42 -24.55
O2 SO4 H . 24.21 8.46 -26.71
O3 SO4 H . 25.82 10.09 -26.01
O4 SO4 H . 25.85 7.93 -25.00
S SO4 I . 26.23 4.44 -14.98
O1 SO4 I . 26.12 5.82 -15.46
O2 SO4 I . 25.27 4.27 -13.90
O3 SO4 I . 27.58 4.20 -14.47
O4 SO4 I . 25.94 3.52 -16.08
#